data_2RI1
#
_entry.id   2RI1
#
_cell.length_a   53.920
_cell.length_b   82.480
_cell.length_c   135.280
_cell.angle_alpha   90.000
_cell.angle_beta   90.000
_cell.angle_gamma   90.000
#
_symmetry.space_group_name_H-M   'P 21 21 21'
#
loop_
_entity.id
_entity.type
_entity.pdbx_description
1 polymer 'Glucosamine-6-phosphate deaminase'
2 non-polymer 2-amino-2-deoxy-6-O-phosphono-alpha-D-glucopyranose
3 non-polymer 2-[BIS-(2-HYDROXY-ETHYL)-AMINO]-2-HYDROXYMETHYL-PROPANE-1,3-DIOL
4 water water
#
_entity_poly.entity_id   1
_entity_poly.type   'polypeptide(L)'
_entity_poly.pdbx_seq_one_letter_code
;GSMKTIKVKNKTEGSKVAFRMLEEEITFGAKTLGLATGSTPLELYKEIRESHLDFSDMVSINLDEYVGLSADDKQSYAYF
MKQNLFAAKPFKKSYLPNGLAADLAKETEYYDQILAQYPIDLQILGIGRNAHIGFNEPGTAFSSQTHLVDLTPSTIAANS
RFFEKAEDVPKQAISMGLASIMSAKMILLMAFGEEKAEAVAAMVKGPVTEEIPASILQTHPKVILIVDEKAGAGI
;
_entity_poly.pdbx_strand_id   A,B
#
# COMPACT_ATOMS: atom_id res chain seq x y z
N GLY A 1 -21.64 25.38 13.62
CA GLY A 1 -22.48 26.22 12.72
C GLY A 1 -21.88 26.76 11.40
N SER A 2 -20.86 27.65 11.49
CA SER A 2 -20.65 28.80 10.56
C SER A 2 -19.60 28.84 9.39
N MET A 3 -19.92 29.72 8.40
CA MET A 3 -19.23 29.90 7.11
C MET A 3 -19.04 31.39 6.72
N LYS A 4 -17.81 31.89 6.91
CA LYS A 4 -17.45 33.26 6.55
C LYS A 4 -17.11 33.20 5.07
N THR A 5 -17.41 34.25 4.32
CA THR A 5 -17.00 34.41 2.92
C THR A 5 -16.01 35.58 2.84
N ILE A 6 -14.85 35.41 2.21
CA ILE A 6 -14.05 36.58 1.75
C ILE A 6 -14.17 36.69 0.20
N LYS A 7 -14.74 37.77 -0.29
CA LYS A 7 -14.82 38.02 -1.75
C LYS A 7 -13.57 38.82 -2.14
N VAL A 8 -13.00 38.46 -3.29
CA VAL A 8 -11.74 39.04 -3.77
C VAL A 8 -11.85 39.37 -5.27
N LYS A 9 -10.97 40.21 -5.80
CA LYS A 9 -11.00 40.61 -7.22
C LYS A 9 -10.79 39.40 -8.15
N ASN A 10 -9.85 38.56 -7.76
CA ASN A 10 -9.35 37.55 -8.66
C ASN A 10 -8.57 36.48 -7.93
N LYS A 11 -8.13 35.47 -8.69
CA LYS A 11 -7.40 34.32 -8.16
C LYS A 11 -6.13 34.72 -7.42
N THR A 12 -5.36 35.65 -7.95
CA THR A 12 -4.09 36.03 -7.35
C THR A 12 -4.24 36.57 -5.93
N GLU A 13 -5.26 37.40 -5.76
CA GLU A 13 -5.57 38.05 -4.51
C GLU A 13 -6.21 37.06 -3.51
N GLY A 14 -7.03 36.14 -4.01
CA GLY A 14 -7.56 35.12 -3.16
C GLY A 14 -6.48 34.21 -2.65
N SER A 15 -5.49 33.96 -3.51
CA SER A 15 -4.32 33.12 -3.15
C SER A 15 -3.38 33.76 -2.10
N LYS A 16 -3.26 35.09 -2.14
CA LYS A 16 -2.51 35.84 -1.15
C LYS A 16 -3.23 35.82 0.20
N VAL A 17 -4.55 35.94 0.17
CA VAL A 17 -5.36 35.86 1.40
C VAL A 17 -5.20 34.47 1.99
N ALA A 18 -5.34 33.44 1.17
CA ALA A 18 -5.19 32.03 1.65
C ALA A 18 -3.80 31.76 2.31
N PHE A 19 -2.73 32.27 1.68
CA PHE A 19 -1.40 32.30 2.26
C PHE A 19 -1.27 32.98 3.61
N ARG A 20 -1.85 34.17 3.74
CA ARG A 20 -1.82 34.89 5.00
C ARG A 20 -2.52 34.13 6.13
N MET A 21 -3.64 33.50 5.82
CA MET A 21 -4.45 32.72 6.73
C MET A 21 -3.74 31.43 7.14
N LEU A 22 -3.12 30.77 6.16
CA LEU A 22 -2.31 29.62 6.42
C LEU A 22 -1.19 29.97 7.39
N GLU A 23 -0.43 31.02 7.10
CA GLU A 23 0.62 31.43 8.00
C GLU A 23 0.18 31.69 9.46
N GLU A 24 -1.02 32.25 9.66
CA GLU A 24 -1.60 32.47 10.99
CA GLU A 24 -1.56 32.47 11.00
C GLU A 24 -1.97 31.20 11.70
N GLU A 25 -2.62 30.28 10.98
CA GLU A 25 -2.96 29.00 11.58
C GLU A 25 -1.72 28.28 12.15
N ILE A 26 -0.67 28.30 11.33
CA ILE A 26 0.64 27.76 11.67
C ILE A 26 1.29 28.45 12.88
N THR A 27 1.21 29.78 12.91
CA THR A 27 1.77 30.50 14.03
C THR A 27 0.99 30.25 15.34
N PHE A 28 -0.31 30.00 15.19
CA PHE A 28 -1.20 29.65 16.29
C PHE A 28 -1.28 28.16 16.66
N GLY A 29 -0.48 27.34 16.00
CA GLY A 29 -0.31 25.97 16.45
C GLY A 29 -0.73 24.85 15.54
N ALA A 30 -1.13 25.15 14.30
CA ALA A 30 -1.46 24.11 13.35
C ALA A 30 -0.23 23.22 13.01
N LYS A 31 -0.43 21.91 12.98
CA LYS A 31 0.61 20.93 12.76
C LYS A 31 0.24 19.99 11.62
N THR A 32 -1.06 19.76 11.38
CA THR A 32 -1.44 18.85 10.28
C THR A 32 -2.34 19.59 9.26
N LEU A 33 -1.91 19.57 7.99
CA LEU A 33 -2.62 20.27 6.92
C LEU A 33 -3.22 19.25 6.01
N GLY A 34 -4.47 19.44 5.61
CA GLY A 34 -5.04 18.69 4.48
C GLY A 34 -4.85 19.53 3.23
N LEU A 35 -4.42 18.91 2.13
CA LEU A 35 -4.05 19.69 0.95
C LEU A 35 -4.98 19.41 -0.24
N ALA A 36 -4.91 20.32 -1.22
CA ALA A 36 -5.71 20.27 -2.48
C ALA A 36 -4.87 20.04 -3.72
N THR A 37 -5.50 19.46 -4.73
CA THR A 37 -4.89 19.35 -6.03
C THR A 37 -5.67 20.18 -7.01
N GLY A 38 -5.30 20.11 -8.29
CA GLY A 38 -6.03 20.83 -9.34
C GLY A 38 -5.43 22.22 -9.55
N SER A 39 -6.08 22.99 -10.39
CA SER A 39 -5.63 24.36 -10.73
C SER A 39 -5.82 25.37 -9.60
N THR A 40 -6.90 25.21 -8.84
CA THR A 40 -7.30 26.21 -7.81
C THR A 40 -6.19 26.68 -6.81
N PRO A 41 -5.40 25.75 -6.21
CA PRO A 41 -4.35 26.25 -5.28
C PRO A 41 -2.97 26.44 -5.89
N LEU A 42 -2.85 26.48 -7.20
CA LEU A 42 -1.49 26.51 -7.80
C LEU A 42 -0.71 27.76 -7.44
N GLU A 43 -1.37 28.93 -7.41
CA GLU A 43 -0.69 30.18 -7.06
C GLU A 43 -0.45 30.28 -5.57
N LEU A 44 -1.37 29.72 -4.74
CA LEU A 44 -1.11 29.59 -3.29
C LEU A 44 0.15 28.77 -3.06
N TYR A 45 0.26 27.65 -3.78
CA TYR A 45 1.53 26.87 -3.72
C TYR A 45 2.82 27.59 -4.17
N LYS A 46 2.78 28.37 -5.24
CA LYS A 46 3.97 29.12 -5.66
C LYS A 46 4.37 30.07 -4.52
N GLU A 47 3.40 30.80 -3.98
CA GLU A 47 3.65 31.68 -2.85
C GLU A 47 4.31 31.00 -1.65
N ILE A 48 3.81 29.81 -1.25
CA ILE A 48 4.41 29.02 -0.16
C ILE A 48 5.87 28.64 -0.44
N ARG A 49 6.12 28.21 -1.67
CA ARG A 49 7.44 27.81 -2.20
C ARG A 49 8.44 28.93 -2.12
N GLU A 50 7.98 30.14 -2.39
CA GLU A 50 8.87 31.28 -2.33
C GLU A 50 8.93 31.95 -0.93
N SER A 51 8.15 31.45 0.02
CA SER A 51 8.02 32.06 1.31
C SER A 51 9.04 31.52 2.32
N HIS A 52 8.97 32.06 3.52
CA HIS A 52 9.79 31.66 4.64
C HIS A 52 9.08 30.61 5.53
N LEU A 53 7.91 30.09 5.13
CA LEU A 53 7.23 29.01 5.87
C LEU A 53 8.11 27.80 5.91
N ASP A 54 7.99 27.05 7.00
CA ASP A 54 8.81 25.86 7.24
C ASP A 54 7.92 24.69 7.75
N PHE A 55 7.77 23.67 6.93
CA PHE A 55 6.82 22.61 7.28
C PHE A 55 7.51 21.41 7.91
N SER A 56 8.74 21.60 8.36
CA SER A 56 9.54 20.44 8.81
C SER A 56 9.13 19.74 10.12
N ASP A 57 8.36 20.41 10.98
CA ASP A 57 7.72 19.72 12.10
C ASP A 57 6.24 19.34 11.86
N MET A 58 5.75 19.55 10.63
CA MET A 58 4.34 19.40 10.26
C MET A 58 4.07 18.16 9.42
N VAL A 59 2.81 17.76 9.36
CA VAL A 59 2.36 16.62 8.59
C VAL A 59 1.35 17.15 7.55
N SER A 60 1.38 16.61 6.32
CA SER A 60 0.39 16.96 5.33
C SER A 60 -0.40 15.72 4.94
N ILE A 61 -1.66 15.93 4.55
CA ILE A 61 -2.51 14.82 4.06
C ILE A 61 -3.20 15.26 2.80
N ASN A 62 -3.04 14.46 1.75
CA ASN A 62 -3.76 14.68 0.47
C ASN A 62 -5.00 13.81 0.43
N LEU A 63 -5.99 14.27 -0.35
CA LEU A 63 -7.28 13.59 -0.46
C LEU A 63 -7.29 12.28 -1.23
N ASP A 64 -6.43 12.19 -2.27
CA ASP A 64 -6.62 11.31 -3.44
C ASP A 64 -5.30 10.72 -3.96
N GLU A 65 -5.35 9.47 -4.38
CA GLU A 65 -4.35 8.97 -5.32
C GLU A 65 -4.99 8.09 -6.37
N TYR A 66 -4.47 8.14 -7.60
CA TYR A 66 -4.85 7.15 -8.64
C TYR A 66 -4.41 5.71 -8.39
N VAL A 67 -5.36 4.77 -8.57
CA VAL A 67 -5.10 3.34 -8.39
C VAL A 67 -4.19 2.94 -9.54
N GLY A 68 -3.11 2.21 -9.22
CA GLY A 68 -2.24 1.69 -10.28
C GLY A 68 -1.02 2.55 -10.52
N LEU A 69 -0.98 3.78 -9.98
CA LEU A 69 0.22 4.64 -10.07
C LEU A 69 1.11 4.66 -8.81
N SER A 70 2.43 4.60 -9.03
CA SER A 70 3.44 4.81 -7.94
C SER A 70 3.66 6.30 -7.63
N ALA A 71 4.28 6.64 -6.50
CA ALA A 71 4.58 8.04 -6.19
C ALA A 71 5.51 8.70 -7.23
N ASP A 72 6.36 7.90 -7.90
CA ASP A 72 7.32 8.41 -8.89
C ASP A 72 6.67 8.64 -10.26
N ASP A 73 5.49 8.05 -10.49
CA ASP A 73 4.81 8.28 -11.75
C ASP A 73 4.51 9.75 -11.96
N LYS A 74 4.97 10.31 -13.07
CA LYS A 74 4.65 11.70 -13.40
C LYS A 74 3.12 12.12 -13.37
N GLN A 75 2.23 11.13 -13.45
CA GLN A 75 0.77 11.34 -13.50
C GLN A 75 0.11 11.25 -12.16
N SER A 76 0.90 10.94 -11.14
CA SER A 76 0.38 10.68 -9.82
C SER A 76 0.16 12.00 -9.11
N TYR A 77 -0.81 12.02 -8.21
CA TYR A 77 -0.87 13.12 -7.29
C TYR A 77 0.36 13.23 -6.35
N ALA A 78 1.05 12.15 -6.00
CA ALA A 78 2.23 12.29 -5.15
C ALA A 78 3.21 13.18 -5.89
N TYR A 79 3.29 13.01 -7.22
CA TYR A 79 4.33 13.69 -8.02
C TYR A 79 3.95 15.16 -8.25
N PHE A 80 2.67 15.36 -8.56
CA PHE A 80 2.04 16.70 -8.58
C PHE A 80 2.37 17.51 -7.32
N MET A 81 2.18 16.91 -6.17
CA MET A 81 2.46 17.55 -4.91
C MET A 81 3.92 17.81 -4.69
N LYS A 82 4.77 16.91 -5.18
CA LYS A 82 6.24 17.11 -5.10
C LYS A 82 6.69 18.34 -5.90
N GLN A 83 6.18 18.43 -7.13
CA GLN A 83 6.48 19.48 -8.06
C GLN A 83 6.03 20.83 -7.56
N ASN A 84 4.86 20.86 -6.93
CA ASN A 84 4.18 22.12 -6.67
C ASN A 84 4.44 22.55 -5.23
N LEU A 85 4.90 21.60 -4.40
CA LEU A 85 5.14 21.98 -3.04
C LEU A 85 6.29 21.32 -2.26
N PHE A 86 6.27 19.99 -2.18
CA PHE A 86 7.20 19.20 -1.33
C PHE A 86 8.67 19.26 -1.64
N ALA A 87 9.04 19.35 -2.92
CA ALA A 87 10.44 19.51 -3.31
C ALA A 87 11.07 20.76 -2.68
N ALA A 88 10.37 21.89 -2.77
CA ALA A 88 10.79 23.16 -2.12
C ALA A 88 10.53 23.24 -0.60
N LYS A 89 9.41 22.70 -0.14
CA LYS A 89 8.99 22.89 1.26
C LYS A 89 8.49 21.56 1.82
N PRO A 90 9.44 20.64 2.08
CA PRO A 90 9.00 19.33 2.60
C PRO A 90 8.36 19.40 4.02
N PHE A 91 7.48 18.44 4.29
CA PHE A 91 6.91 18.25 5.61
C PHE A 91 7.73 17.24 6.39
N LYS A 92 7.48 17.14 7.70
CA LYS A 92 7.97 16.00 8.47
C LYS A 92 7.55 14.71 7.79
N LYS A 93 6.27 14.65 7.38
CA LYS A 93 5.72 13.45 6.79
C LYS A 93 4.55 13.94 5.95
N SER A 94 4.52 13.52 4.70
CA SER A 94 3.45 13.83 3.78
C SER A 94 2.75 12.53 3.39
N TYR A 95 1.46 12.40 3.72
CA TYR A 95 0.69 11.20 3.34
C TYR A 95 -0.13 11.34 2.06
N LEU A 96 -0.09 10.32 1.17
CA LEU A 96 -1.15 10.17 0.06
C LEU A 96 -1.55 8.70 0.08
N PRO A 97 -2.77 8.36 -0.41
CA PRO A 97 -3.06 6.92 -0.60
C PRO A 97 -2.00 6.18 -1.41
N ASN A 98 -1.74 4.92 -1.08
CA ASN A 98 -0.87 4.07 -1.86
C ASN A 98 -1.65 3.48 -3.06
N GLY A 99 -1.39 4.04 -4.23
CA GLY A 99 -2.10 3.64 -5.38
C GLY A 99 -1.69 2.26 -5.82
N LEU A 100 -0.53 1.79 -5.34
CA LEU A 100 -0.02 0.42 -5.59
C LEU A 100 -0.45 -0.66 -4.55
N ALA A 101 -1.38 -0.29 -3.64
CA ALA A 101 -1.85 -1.15 -2.55
C ALA A 101 -2.31 -2.45 -3.16
N ALA A 102 -1.83 -3.58 -2.61
CA ALA A 102 -2.33 -4.91 -3.00
C ALA A 102 -3.82 -5.12 -2.67
N ASP A 103 -4.25 -4.67 -1.51
CA ASP A 103 -5.61 -4.87 -1.06
C ASP A 103 -6.20 -3.45 -0.88
N LEU A 104 -6.99 -3.03 -1.86
CA LEU A 104 -7.59 -1.68 -1.85
C LEU A 104 -8.41 -1.41 -0.57
N ALA A 105 -9.14 -2.42 -0.08
CA ALA A 105 -9.93 -2.25 1.15
C ALA A 105 -9.02 -2.06 2.37
N LYS A 106 -7.81 -2.65 2.37
CA LYS A 106 -6.83 -2.47 3.44
C LYS A 106 -6.23 -1.06 3.48
N GLU A 107 -6.10 -0.43 2.31
CA GLU A 107 -5.47 0.88 2.18
C GLU A 107 -6.43 1.99 2.62
N THR A 108 -7.68 1.74 2.33
CA THR A 108 -8.81 2.58 2.68
C THR A 108 -8.96 2.58 4.23
N GLU A 109 -8.83 1.42 4.85
CA GLU A 109 -8.86 1.21 6.30
CA GLU A 109 -8.87 1.25 6.30
C GLU A 109 -7.63 1.93 6.91
N TYR A 110 -6.49 1.73 6.28
CA TYR A 110 -5.22 2.38 6.70
C TYR A 110 -5.28 3.94 6.72
N TYR A 111 -5.85 4.54 5.68
CA TYR A 111 -5.96 5.97 5.51
C TYR A 111 -6.90 6.61 6.53
N ASP A 112 -7.97 5.90 6.83
CA ASP A 112 -8.85 6.30 7.93
C ASP A 112 -8.08 6.38 9.28
N GLN A 113 -7.28 5.35 9.52
CA GLN A 113 -6.49 5.23 10.73
CA GLN A 113 -6.42 5.24 10.74
C GLN A 113 -5.41 6.38 10.80
N ILE A 114 -4.85 6.77 9.68
CA ILE A 114 -3.88 7.88 9.64
C ILE A 114 -4.55 9.20 9.95
N LEU A 115 -5.77 9.40 9.41
CA LEU A 115 -6.64 10.50 9.80
C LEU A 115 -6.97 10.59 11.29
N ALA A 116 -7.11 9.43 11.94
CA ALA A 116 -7.46 9.35 13.34
C ALA A 116 -6.20 9.72 14.12
N GLN A 117 -5.06 9.35 13.53
CA GLN A 117 -3.77 9.51 14.19
C GLN A 117 -3.25 10.93 14.00
N TYR A 118 -3.58 11.57 12.87
CA TYR A 118 -3.16 12.93 12.60
C TYR A 118 -4.37 13.74 12.21
N PRO A 119 -5.24 14.12 13.18
CA PRO A 119 -6.42 14.93 12.73
C PRO A 119 -5.97 16.26 12.09
N ILE A 120 -6.68 16.68 11.04
CA ILE A 120 -6.30 17.84 10.23
C ILE A 120 -6.70 19.17 10.93
N ASP A 121 -5.72 20.04 11.08
CA ASP A 121 -5.95 21.35 11.66
C ASP A 121 -6.60 22.29 10.62
N LEU A 122 -6.01 22.34 9.44
CA LEU A 122 -6.50 23.19 8.39
C LEU A 122 -6.50 22.36 7.09
N GLN A 123 -7.67 22.27 6.46
CA GLN A 123 -7.82 21.64 5.14
C GLN A 123 -8.04 22.74 4.08
N ILE A 124 -7.22 22.74 3.05
CA ILE A 124 -7.40 23.49 1.82
C ILE A 124 -8.22 22.65 0.83
N LEU A 125 -9.26 23.27 0.28
CA LEU A 125 -10.11 22.67 -0.72
C LEU A 125 -10.38 23.56 -1.95
N GLY A 126 -10.52 22.93 -3.11
CA GLY A 126 -11.24 23.52 -4.22
C GLY A 126 -12.63 22.93 -4.32
N ILE A 127 -13.39 23.43 -5.26
CA ILE A 127 -14.73 22.94 -5.57
C ILE A 127 -14.83 22.52 -7.08
N GLY A 128 -15.55 21.42 -7.37
CA GLY A 128 -15.81 21.06 -8.75
C GLY A 128 -16.89 21.91 -9.38
N ARG A 129 -16.98 21.87 -10.70
CA ARG A 129 -18.04 22.60 -11.42
C ARG A 129 -19.45 22.09 -11.08
N ASN A 130 -19.59 20.76 -10.92
CA ASN A 130 -20.81 20.16 -10.39
C ASN A 130 -20.87 20.03 -8.83
N ALA A 131 -20.07 20.85 -8.14
CA ALA A 131 -20.02 20.90 -6.66
C ALA A 131 -19.38 19.67 -6.02
N HIS A 132 -18.71 18.83 -6.84
CA HIS A 132 -17.88 17.72 -6.30
C HIS A 132 -16.72 18.26 -5.44
N ILE A 133 -16.32 17.44 -4.47
CA ILE A 133 -15.29 17.84 -3.47
C ILE A 133 -14.30 16.69 -3.45
N GLY A 134 -13.04 16.98 -3.83
CA GLY A 134 -12.07 15.94 -4.11
C GLY A 134 -12.60 15.17 -5.31
N PHE A 135 -12.61 13.83 -5.18
CA PHE A 135 -13.24 12.96 -6.13
C PHE A 135 -14.65 12.47 -5.69
N ASN A 136 -15.32 13.20 -4.81
CA ASN A 136 -16.59 12.74 -4.30
C ASN A 136 -17.63 13.42 -5.13
N GLU A 137 -18.37 12.61 -5.90
CA GLU A 137 -19.24 13.16 -6.96
C GLU A 137 -20.63 13.26 -6.41
N PRO A 138 -21.53 14.03 -7.05
CA PRO A 138 -22.91 13.96 -6.56
C PRO A 138 -23.41 12.54 -6.28
N GLY A 139 -24.25 12.43 -5.25
CA GLY A 139 -24.70 11.13 -4.76
C GLY A 139 -23.82 10.48 -3.71
N THR A 140 -22.63 11.03 -3.44
CA THR A 140 -21.76 10.47 -2.40
C THR A 140 -22.36 10.70 -1.01
N ALA A 141 -22.37 9.63 -0.20
CA ALA A 141 -22.87 9.69 1.17
C ALA A 141 -22.06 10.69 2.01
N PHE A 142 -22.76 11.50 2.78
CA PHE A 142 -22.11 12.36 3.76
C PHE A 142 -21.40 11.60 4.89
N SER A 143 -21.72 10.32 5.03
CA SER A 143 -21.08 9.44 5.99
C SER A 143 -19.73 8.80 5.51
N SER A 144 -19.33 9.06 4.25
CA SER A 144 -18.27 8.26 3.61
C SER A 144 -16.90 8.57 4.20
N GLN A 145 -16.09 7.55 4.39
CA GLN A 145 -14.75 7.76 4.79
C GLN A 145 -13.89 7.46 3.55
N THR A 146 -12.62 7.12 3.71
CA THR A 146 -11.74 6.85 2.56
C THR A 146 -12.37 5.66 1.80
N HIS A 147 -12.45 5.74 0.46
CA HIS A 147 -13.13 4.71 -0.31
C HIS A 147 -12.63 4.73 -1.72
N LEU A 148 -12.88 3.63 -2.42
CA LEU A 148 -12.60 3.49 -3.86
C LEU A 148 -13.65 4.20 -4.74
N VAL A 149 -13.13 5.05 -5.62
CA VAL A 149 -13.96 5.89 -6.49
C VAL A 149 -13.68 5.44 -7.90
N ASP A 150 -14.74 5.21 -8.66
CA ASP A 150 -14.61 5.10 -10.11
C ASP A 150 -14.61 6.49 -10.72
N LEU A 151 -13.57 6.83 -11.48
CA LEU A 151 -13.41 8.20 -11.96
C LEU A 151 -14.53 8.47 -12.95
N THR A 152 -14.94 9.72 -13.09
CA THR A 152 -15.89 10.09 -14.14
C THR A 152 -15.26 9.85 -15.54
N PRO A 153 -16.10 9.51 -16.54
CA PRO A 153 -15.60 9.44 -17.93
C PRO A 153 -14.90 10.69 -18.46
N SER A 154 -15.33 11.87 -18.06
CA SER A 154 -14.61 13.14 -18.35
C SER A 154 -13.16 13.22 -17.80
N THR A 155 -12.99 12.76 -16.56
CA THR A 155 -11.70 12.63 -15.94
C THR A 155 -10.80 11.64 -16.66
N ILE A 156 -11.30 10.44 -17.00
CA ILE A 156 -10.51 9.44 -17.70
C ILE A 156 -10.09 9.99 -19.10
N ALA A 157 -11.03 10.61 -19.81
CA ALA A 157 -10.77 11.21 -21.12
C ALA A 157 -9.74 12.34 -21.06
N ALA A 158 -9.88 13.22 -20.06
CA ALA A 158 -8.88 14.28 -19.79
C ALA A 158 -7.50 13.69 -19.48
N ASN A 159 -7.43 12.68 -18.60
CA ASN A 159 -6.15 12.13 -18.15
C ASN A 159 -5.54 11.23 -19.16
N SER A 160 -6.38 10.72 -20.06
CA SER A 160 -5.92 9.82 -21.15
C SER A 160 -4.83 10.44 -22.07
N ARG A 161 -4.92 11.76 -22.26
CA ARG A 161 -3.98 12.54 -23.07
C ARG A 161 -2.55 12.43 -22.60
N PHE A 162 -2.38 12.02 -21.34
CA PHE A 162 -1.08 11.99 -20.65
C PHE A 162 -0.44 10.61 -20.53
N PHE A 163 -0.99 9.61 -21.22
CA PHE A 163 -0.49 8.23 -21.14
C PHE A 163 -0.25 7.64 -22.51
N GLU A 164 0.97 7.15 -22.81
CA GLU A 164 1.26 6.53 -24.13
C GLU A 164 0.24 5.45 -24.50
N LYS A 165 -0.06 4.54 -23.58
CA LYS A 165 -1.04 3.44 -23.81
C LYS A 165 -2.34 3.54 -22.94
N ALA A 166 -3.47 3.21 -23.55
CA ALA A 166 -4.80 3.37 -22.95
C ALA A 166 -4.98 2.45 -21.75
N GLU A 167 -4.37 1.26 -21.84
CA GLU A 167 -4.40 0.27 -20.75
C GLU A 167 -3.69 0.73 -19.46
N ASP A 168 -2.97 1.86 -19.54
CA ASP A 168 -2.25 2.45 -18.41
C ASP A 168 -2.98 3.62 -17.74
N VAL A 169 -4.13 4.05 -18.26
CA VAL A 169 -4.85 5.21 -17.69
C VAL A 169 -5.61 4.75 -16.45
N PRO A 170 -5.35 5.35 -15.27
CA PRO A 170 -6.21 5.03 -14.11
C PRO A 170 -7.70 5.22 -14.35
N LYS A 171 -8.51 4.23 -13.98
CA LYS A 171 -9.96 4.30 -13.99
C LYS A 171 -10.59 4.56 -12.58
N GLN A 172 -9.76 4.56 -11.55
CA GLN A 172 -10.20 4.58 -10.14
C GLN A 172 -9.21 5.39 -9.32
N ALA A 173 -9.66 5.80 -8.12
CA ALA A 173 -8.84 6.52 -7.18
C ALA A 173 -9.19 6.01 -5.79
N ILE A 174 -8.26 6.22 -4.86
CA ILE A 174 -8.51 6.00 -3.42
C ILE A 174 -8.68 7.41 -2.83
N SER A 175 -9.82 7.71 -2.21
CA SER A 175 -10.14 9.12 -1.97
C SER A 175 -10.69 9.21 -0.56
N MET A 176 -10.24 10.21 0.19
CA MET A 176 -10.95 10.67 1.40
C MET A 176 -12.45 11.00 1.11
N GLY A 177 -13.39 10.55 1.94
CA GLY A 177 -14.80 10.84 1.66
C GLY A 177 -15.24 12.13 2.33
N LEU A 178 -16.54 12.38 2.31
CA LEU A 178 -17.14 13.61 2.85
C LEU A 178 -17.09 13.74 4.36
N ALA A 179 -17.33 12.64 5.06
CA ALA A 179 -17.17 12.60 6.54
C ALA A 179 -15.71 12.76 6.94
N SER A 180 -14.81 12.07 6.24
CA SER A 180 -13.35 12.27 6.34
C SER A 180 -12.96 13.75 6.33
N ILE A 181 -13.35 14.41 5.25
CA ILE A 181 -12.95 15.76 4.95
C ILE A 181 -13.54 16.73 6.04
N MET A 182 -14.83 16.52 6.35
CA MET A 182 -15.55 17.30 7.38
C MET A 182 -14.90 17.28 8.79
N SER A 183 -14.03 16.31 9.06
CA SER A 183 -13.38 16.18 10.38
C SER A 183 -12.32 17.25 10.65
N ALA A 184 -11.88 17.99 9.64
CA ALA A 184 -10.88 19.05 9.82
C ALA A 184 -11.41 20.08 10.77
N LYS A 185 -10.53 20.65 11.60
CA LYS A 185 -10.91 21.69 12.55
C LYS A 185 -11.31 22.96 11.80
N MET A 186 -10.67 23.19 10.67
CA MET A 186 -10.95 24.39 9.88
C MET A 186 -10.77 24.05 8.42
N ILE A 187 -11.71 24.52 7.62
CA ILE A 187 -11.72 24.31 6.21
C ILE A 187 -11.62 25.67 5.50
N LEU A 188 -10.70 25.79 4.57
CA LEU A 188 -10.58 26.98 3.75
C LEU A 188 -10.84 26.53 2.28
N LEU A 189 -11.95 26.98 1.69
CA LEU A 189 -12.32 26.60 0.36
C LEU A 189 -12.14 27.76 -0.56
N MET A 190 -11.52 27.50 -1.71
CA MET A 190 -11.20 28.53 -2.69
C MET A 190 -11.91 28.16 -3.99
N ALA A 191 -12.48 29.17 -4.63
CA ALA A 191 -13.25 29.00 -5.86
C ALA A 191 -13.06 30.25 -6.72
N PHE A 192 -12.45 30.12 -7.91
CA PHE A 192 -12.27 31.27 -8.84
C PHE A 192 -12.80 30.99 -10.25
N GLY A 193 -13.32 32.04 -10.91
CA GLY A 193 -14.00 31.93 -12.21
C GLY A 193 -15.49 31.61 -12.25
N GLU A 194 -16.14 32.11 -13.28
CA GLU A 194 -17.55 31.88 -13.54
C GLU A 194 -17.96 30.40 -13.57
N GLU A 195 -17.04 29.53 -14.03
CA GLU A 195 -17.32 28.10 -14.10
C GLU A 195 -17.67 27.53 -12.69
N LYS A 196 -17.30 28.25 -11.62
CA LYS A 196 -17.58 27.79 -10.23
C LYS A 196 -18.81 28.41 -9.55
N ALA A 197 -19.46 29.40 -10.20
CA ALA A 197 -20.53 30.26 -9.63
C ALA A 197 -21.70 29.45 -9.22
N GLU A 198 -22.06 28.54 -10.07
CA GLU A 198 -23.21 27.72 -9.80
C GLU A 198 -22.94 26.73 -8.66
N ALA A 199 -21.78 26.09 -8.63
CA ALA A 199 -21.45 25.15 -7.54
C ALA A 199 -21.35 25.87 -6.20
N VAL A 200 -20.70 27.03 -6.20
CA VAL A 200 -20.67 27.92 -5.04
C VAL A 200 -22.04 28.29 -4.46
N ALA A 201 -23.00 28.76 -5.26
CA ALA A 201 -24.34 29.10 -4.80
C ALA A 201 -25.08 27.89 -4.16
N ALA A 202 -25.03 26.74 -4.82
CA ALA A 202 -25.60 25.49 -4.34
C ALA A 202 -25.00 25.01 -2.99
N MET A 203 -23.68 25.20 -2.81
CA MET A 203 -22.98 24.89 -1.54
C MET A 203 -23.48 25.78 -0.40
N VAL A 204 -23.67 27.06 -0.70
CA VAL A 204 -24.16 28.06 0.30
C VAL A 204 -25.69 28.15 0.46
N LYS A 205 -26.43 28.15 -0.65
CA LYS A 205 -27.88 28.49 -0.64
C LYS A 205 -28.82 27.28 -0.82
N GLY A 206 -28.34 26.22 -1.45
CA GLY A 206 -29.18 25.07 -1.74
C GLY A 206 -29.43 24.25 -0.47
N PRO A 207 -30.28 23.20 -0.54
CA PRO A 207 -30.41 22.28 0.62
C PRO A 207 -29.13 21.46 0.83
N VAL A 208 -28.99 20.85 2.01
CA VAL A 208 -27.97 19.87 2.29
C VAL A 208 -28.51 18.55 1.72
N THR A 209 -27.93 18.11 0.58
CA THR A 209 -28.31 16.91 -0.24
C THR A 209 -27.03 16.28 -0.76
N GLU A 210 -27.00 14.95 -0.87
CA GLU A 210 -25.90 14.27 -1.51
C GLU A 210 -25.74 14.66 -2.97
N GLU A 211 -26.75 15.31 -3.56
CA GLU A 211 -26.65 15.80 -4.92
C GLU A 211 -25.59 16.92 -5.11
N ILE A 212 -25.27 17.65 -4.05
CA ILE A 212 -24.32 18.76 -4.07
C ILE A 212 -23.39 18.36 -2.95
N PRO A 213 -22.28 17.70 -3.27
CA PRO A 213 -21.34 17.25 -2.18
C PRO A 213 -20.86 18.38 -1.21
N ALA A 214 -20.59 19.55 -1.76
CA ALA A 214 -20.13 20.71 -1.01
C ALA A 214 -21.16 21.30 -0.04
N SER A 215 -22.45 20.98 -0.20
CA SER A 215 -23.53 21.48 0.66
C SER A 215 -23.39 21.01 2.11
N ILE A 216 -22.66 19.90 2.34
CA ILE A 216 -22.35 19.44 3.70
C ILE A 216 -21.51 20.44 4.50
N LEU A 217 -20.78 21.29 3.78
CA LEU A 217 -19.88 22.34 4.34
C LEU A 217 -20.70 23.35 5.08
N GLN A 218 -22.00 23.43 4.72
CA GLN A 218 -22.96 24.29 5.45
C GLN A 218 -23.06 23.94 6.91
N THR A 219 -22.64 22.72 7.27
CA THR A 219 -22.83 22.15 8.62
C THR A 219 -21.52 22.12 9.44
N HIS A 220 -20.40 22.46 8.79
CA HIS A 220 -19.10 22.53 9.43
C HIS A 220 -18.99 23.72 10.37
N PRO A 221 -18.42 23.51 11.59
CA PRO A 221 -18.31 24.65 12.53
C PRO A 221 -17.32 25.78 12.14
N LYS A 222 -16.43 25.57 11.17
CA LYS A 222 -15.46 26.57 10.81
C LYS A 222 -14.98 26.48 9.34
N VAL A 223 -15.84 26.89 8.40
CA VAL A 223 -15.53 26.95 6.98
C VAL A 223 -15.29 28.36 6.55
N ILE A 224 -14.21 28.60 5.82
CA ILE A 224 -13.92 29.96 5.33
C ILE A 224 -13.86 29.81 3.83
N LEU A 225 -14.78 30.49 3.14
CA LEU A 225 -14.91 30.49 1.69
C LEU A 225 -14.20 31.75 1.15
N ILE A 226 -13.18 31.58 0.30
CA ILE A 226 -12.53 32.67 -0.47
C ILE A 226 -12.90 32.52 -1.94
N VAL A 227 -13.47 33.55 -2.54
CA VAL A 227 -14.09 33.41 -3.83
C VAL A 227 -13.80 34.76 -4.55
N ASP A 228 -13.36 34.73 -5.82
CA ASP A 228 -13.23 35.95 -6.58
C ASP A 228 -14.62 36.40 -6.97
N GLU A 229 -14.77 37.63 -7.47
CA GLU A 229 -16.09 38.21 -7.80
C GLU A 229 -17.02 37.38 -8.68
N LYS A 230 -16.45 36.72 -9.69
CA LYS A 230 -17.15 35.83 -10.62
C LYS A 230 -17.64 34.51 -10.00
N ALA A 231 -16.80 33.83 -9.22
CA ALA A 231 -17.25 32.57 -8.61
C ALA A 231 -18.30 32.84 -7.50
N GLY A 232 -18.30 34.08 -6.99
CA GLY A 232 -19.22 34.48 -5.92
C GLY A 232 -20.44 35.22 -6.43
N ALA A 233 -20.60 35.29 -7.76
CA ALA A 233 -21.72 36.00 -8.36
C ALA A 233 -23.05 35.62 -7.69
N GLY A 234 -23.24 34.33 -7.42
CA GLY A 234 -24.46 33.80 -6.77
C GLY A 234 -24.72 33.96 -5.27
N ILE A 235 -23.81 34.59 -4.52
CA ILE A 235 -23.94 34.67 -3.05
C ILE A 235 -23.62 36.06 -2.46
N GLY B 1 6.40 -35.15 -11.67
CA GLY B 1 5.58 -34.14 -10.88
C GLY B 1 4.28 -34.67 -10.28
N SER B 2 4.25 -34.79 -8.95
CA SER B 2 3.04 -35.20 -8.25
C SER B 2 2.57 -34.13 -7.23
N MET B 3 1.33 -33.66 -7.43
CA MET B 3 0.74 -32.61 -6.63
C MET B 3 -0.59 -33.06 -6.06
N LYS B 4 -0.66 -33.17 -4.75
CA LYS B 4 -1.87 -33.57 -4.07
C LYS B 4 -2.49 -32.27 -3.58
N THR B 5 -3.82 -32.20 -3.54
CA THR B 5 -4.50 -30.97 -3.14
C THR B 5 -5.50 -31.28 -2.03
N ILE B 6 -5.47 -30.48 -0.96
CA ILE B 6 -6.47 -30.53 0.10
C ILE B 6 -7.21 -29.20 0.12
N LYS B 7 -8.50 -29.23 -0.14
CA LYS B 7 -9.31 -28.05 -0.01
C LYS B 7 -9.84 -27.94 1.41
N VAL B 8 -9.83 -26.70 1.94
CA VAL B 8 -10.31 -26.41 3.28
C VAL B 8 -11.32 -25.28 3.26
N LYS B 9 -12.01 -25.14 4.39
CA LYS B 9 -13.06 -24.16 4.58
C LYS B 9 -12.50 -22.76 4.49
N ASN B 10 -11.42 -22.49 5.24
CA ASN B 10 -10.84 -21.16 5.46
C ASN B 10 -9.35 -21.27 5.89
N LYS B 11 -8.67 -20.14 6.09
CA LYS B 11 -7.27 -20.09 6.54
C LYS B 11 -6.99 -20.83 7.84
N THR B 12 -7.89 -20.71 8.81
CA THR B 12 -7.69 -21.36 10.08
C THR B 12 -7.64 -22.86 9.95
N GLU B 13 -8.60 -23.41 9.20
CA GLU B 13 -8.60 -24.85 9.04
CA GLU B 13 -8.65 -24.85 8.95
C GLU B 13 -7.36 -25.27 8.25
N GLY B 14 -6.96 -24.48 7.25
CA GLY B 14 -5.82 -24.83 6.39
C GLY B 14 -4.54 -24.83 7.16
N SER B 15 -4.47 -23.91 8.12
CA SER B 15 -3.33 -23.72 8.98
C SER B 15 -3.19 -24.90 9.94
N LYS B 16 -4.31 -25.43 10.44
CA LYS B 16 -4.31 -26.60 11.32
C LYS B 16 -3.89 -27.88 10.62
N VAL B 17 -4.36 -28.09 9.37
CA VAL B 17 -3.86 -29.16 8.50
C VAL B 17 -2.34 -29.06 8.24
N ALA B 18 -1.89 -27.85 7.90
CA ALA B 18 -0.47 -27.61 7.65
C ALA B 18 0.33 -27.96 8.89
N PHE B 19 -0.16 -27.65 10.09
CA PHE B 19 0.53 -28.00 11.34
C PHE B 19 0.63 -29.55 11.58
N ARG B 20 -0.48 -30.25 11.38
CA ARG B 20 -0.48 -31.67 11.50
C ARG B 20 0.46 -32.32 10.50
N MET B 21 0.50 -31.79 9.28
CA MET B 21 1.53 -32.23 8.32
C MET B 21 2.97 -32.02 8.80
N LEU B 22 3.30 -30.82 9.31
CA LEU B 22 4.65 -30.54 9.81
C LEU B 22 5.00 -31.51 10.91
N GLU B 23 4.16 -31.59 11.95
CA GLU B 23 4.42 -32.55 13.03
C GLU B 23 4.69 -33.97 12.49
N GLU B 24 3.98 -34.37 11.44
CA GLU B 24 4.18 -35.70 10.89
C GLU B 24 5.55 -35.86 10.24
N GLU B 25 5.95 -34.86 9.44
CA GLU B 25 7.27 -34.79 8.80
C GLU B 25 8.40 -34.87 9.78
N ILE B 26 8.28 -34.11 10.87
CA ILE B 26 9.23 -34.17 11.99
C ILE B 26 9.28 -35.54 12.65
N THR B 27 8.11 -36.13 13.00
CA THR B 27 8.06 -37.50 13.54
C THR B 27 8.86 -38.53 12.71
N PHE B 28 8.61 -38.47 11.39
CA PHE B 28 9.25 -39.25 10.33
C PHE B 28 10.71 -38.81 10.01
N GLY B 29 11.27 -37.86 10.77
CA GLY B 29 12.67 -37.58 10.60
C GLY B 29 13.16 -36.30 9.94
N ALA B 30 12.28 -35.40 9.50
CA ALA B 30 12.66 -34.06 8.97
C ALA B 30 13.53 -33.32 9.94
N LYS B 31 14.69 -32.81 9.46
CA LYS B 31 15.68 -32.08 10.29
C LYS B 31 15.89 -30.61 9.85
N THR B 32 15.62 -30.33 8.57
CA THR B 32 15.83 -29.01 7.92
C THR B 32 14.53 -28.50 7.31
N LEU B 33 14.05 -27.35 7.80
CA LEU B 33 12.77 -26.77 7.30
C LEU B 33 13.04 -25.51 6.48
N GLY B 34 12.35 -25.35 5.34
CA GLY B 34 12.36 -24.08 4.64
C GLY B 34 11.08 -23.33 5.06
N LEU B 35 11.18 -22.02 5.38
CA LEU B 35 10.03 -21.30 5.96
C LEU B 35 9.57 -20.18 4.99
N ALA B 36 8.34 -19.71 5.26
CA ALA B 36 7.67 -18.66 4.51
C ALA B 36 7.53 -17.41 5.39
N THR B 37 7.48 -16.27 4.73
CA THR B 37 7.10 -15.05 5.37
C THR B 37 5.72 -14.60 4.77
N GLY B 38 5.28 -13.36 5.05
CA GLY B 38 4.05 -12.89 4.46
C GLY B 38 2.95 -13.25 5.43
N SER B 39 1.71 -12.95 5.07
CA SER B 39 0.56 -13.24 5.94
C SER B 39 0.06 -14.73 5.95
N THR B 40 0.25 -15.44 4.83
CA THR B 40 -0.28 -16.77 4.57
C THR B 40 0.07 -17.75 5.74
N PRO B 41 1.37 -17.75 6.20
CA PRO B 41 1.70 -18.70 7.29
C PRO B 41 1.52 -18.22 8.74
N LEU B 42 0.93 -17.05 8.98
CA LEU B 42 0.88 -16.53 10.35
C LEU B 42 0.09 -17.32 11.37
N GLU B 43 -1.00 -17.96 10.98
CA GLU B 43 -1.78 -18.79 11.87
C GLU B 43 -1.13 -20.12 12.10
N LEU B 44 -0.45 -20.64 11.09
CA LEU B 44 0.38 -21.84 11.24
C LEU B 44 1.47 -21.53 12.28
N TYR B 45 2.19 -20.42 12.11
CA TYR B 45 3.24 -20.04 13.07
C TYR B 45 2.69 -19.83 14.52
N LYS B 46 1.53 -19.18 14.66
CA LYS B 46 0.89 -19.09 15.96
C LYS B 46 0.60 -20.49 16.61
N GLU B 47 0.04 -21.43 15.84
CA GLU B 47 -0.16 -22.78 16.34
C GLU B 47 1.16 -23.51 16.73
N ILE B 48 2.21 -23.28 15.97
CA ILE B 48 3.53 -23.79 16.37
C ILE B 48 4.05 -23.18 17.69
N ARG B 49 3.91 -21.85 17.88
CA ARG B 49 4.34 -21.20 19.13
C ARG B 49 3.66 -21.83 20.34
N GLU B 50 2.42 -22.26 20.16
CA GLU B 50 1.62 -22.75 21.28
C GLU B 50 1.63 -24.26 21.38
N SER B 51 2.47 -24.92 20.59
CA SER B 51 2.43 -26.39 20.54
C SER B 51 3.60 -26.95 21.28
N HIS B 52 3.69 -28.28 21.26
CA HIS B 52 4.71 -28.99 22.00
C HIS B 52 5.91 -29.30 21.09
N LEU B 53 5.88 -28.82 19.83
CA LEU B 53 6.98 -29.04 18.89
C LEU B 53 8.28 -28.43 19.42
N ASP B 54 9.41 -29.00 19.01
CA ASP B 54 10.74 -28.74 19.59
C ASP B 54 11.74 -28.83 18.42
N PHE B 55 12.34 -27.68 18.09
CA PHE B 55 13.18 -27.55 16.90
C PHE B 55 14.61 -27.54 17.31
N SER B 56 14.89 -27.92 18.56
CA SER B 56 16.24 -27.66 19.08
C SER B 56 17.36 -28.48 18.41
N ASP B 57 16.97 -29.51 17.65
CA ASP B 57 17.91 -30.28 16.89
C ASP B 57 17.65 -30.12 15.39
N MET B 58 16.94 -29.05 15.00
CA MET B 58 16.62 -28.82 13.59
C MET B 58 17.26 -27.55 13.05
N VAL B 59 17.33 -27.47 11.70
CA VAL B 59 17.84 -26.28 10.99
C VAL B 59 16.69 -25.65 10.24
N SER B 60 16.54 -24.34 10.28
CA SER B 60 15.63 -23.66 9.39
C SER B 60 16.38 -22.81 8.35
N ILE B 61 15.73 -22.65 7.20
CA ILE B 61 16.19 -21.79 6.15
C ILE B 61 15.04 -20.93 5.68
N ASN B 62 15.28 -19.62 5.58
CA ASN B 62 14.32 -18.67 5.02
C ASN B 62 14.75 -18.29 3.61
N LEU B 63 13.84 -17.75 2.83
CA LEU B 63 14.12 -17.53 1.40
C LEU B 63 14.88 -16.23 1.09
N ASP B 64 14.60 -15.23 1.92
CA ASP B 64 14.81 -13.79 1.58
C ASP B 64 15.33 -13.00 2.77
N GLU B 65 16.09 -11.96 2.46
CA GLU B 65 16.28 -10.80 3.36
C GLU B 65 16.44 -9.54 2.52
N TYR B 66 15.96 -8.41 3.04
CA TYR B 66 16.21 -7.13 2.43
C TYR B 66 17.65 -6.68 2.54
N VAL B 67 18.23 -6.22 1.45
CA VAL B 67 19.61 -5.78 1.45
C VAL B 67 19.71 -4.54 2.34
N GLY B 68 20.65 -4.48 3.27
CA GLY B 68 20.74 -3.32 4.11
C GLY B 68 20.06 -3.47 5.46
N LEU B 69 19.31 -4.56 5.68
CA LEU B 69 18.72 -4.81 6.99
C LEU B 69 19.31 -6.03 7.66
N SER B 70 19.26 -5.99 8.99
CA SER B 70 19.57 -7.11 9.86
C SER B 70 18.40 -7.36 10.79
N ALA B 71 18.59 -8.30 11.71
CA ALA B 71 17.67 -8.62 12.81
C ALA B 71 17.48 -7.42 13.77
N ASP B 72 18.43 -6.49 13.75
CA ASP B 72 18.34 -5.26 14.48
C ASP B 72 17.17 -4.33 14.00
N ASP B 73 16.74 -4.50 12.76
CA ASP B 73 15.75 -3.64 12.17
C ASP B 73 14.38 -4.29 12.25
N LYS B 74 13.36 -3.60 12.79
CA LYS B 74 12.00 -4.11 12.88
C LYS B 74 11.41 -4.51 11.53
N GLN B 75 11.92 -3.90 10.46
CA GLN B 75 11.38 -4.13 9.10
C GLN B 75 12.01 -5.33 8.40
N SER B 76 13.07 -5.93 8.94
CA SER B 76 13.61 -7.14 8.33
C SER B 76 12.74 -8.46 8.45
N TYR B 77 13.04 -9.42 7.60
CA TYR B 77 12.49 -10.76 7.72
C TYR B 77 13.09 -11.52 8.90
N ALA B 78 14.38 -11.37 9.16
CA ALA B 78 14.92 -11.85 10.45
C ALA B 78 14.09 -11.39 11.66
N TYR B 79 13.77 -10.11 11.79
CA TYR B 79 12.87 -9.69 12.86
C TYR B 79 11.48 -10.40 12.82
N PHE B 80 10.85 -10.46 11.64
CA PHE B 80 9.53 -11.04 11.47
C PHE B 80 9.53 -12.51 12.02
N MET B 81 10.56 -13.25 11.62
CA MET B 81 10.75 -14.65 11.97
C MET B 81 10.99 -14.82 13.45
N LYS B 82 11.78 -13.92 14.07
CA LYS B 82 12.00 -13.94 15.55
C LYS B 82 10.62 -13.76 16.24
N GLN B 83 9.90 -12.75 15.79
CA GLN B 83 8.70 -12.40 16.49
C GLN B 83 7.55 -13.41 16.30
N ASN B 84 7.57 -14.08 15.14
CA ASN B 84 6.51 -15.05 14.73
C ASN B 84 6.81 -16.52 15.04
N LEU B 85 8.10 -16.86 15.30
CA LEU B 85 8.45 -18.29 15.53
C LEU B 85 9.57 -18.48 16.47
N PHE B 86 10.71 -17.85 16.17
CA PHE B 86 11.96 -18.19 16.84
C PHE B 86 12.07 -17.70 18.30
N ALA B 87 11.45 -16.58 18.69
CA ALA B 87 11.41 -16.26 20.12
C ALA B 87 10.79 -17.42 20.95
N ALA B 88 9.63 -17.96 20.50
CA ALA B 88 8.93 -19.09 21.18
C ALA B 88 9.55 -20.48 20.93
N LYS B 89 9.99 -20.68 19.67
CA LYS B 89 10.36 -21.96 19.13
C LYS B 89 11.74 -21.91 18.44
N PRO B 90 12.83 -21.68 19.23
CA PRO B 90 14.12 -21.57 18.53
C PRO B 90 14.57 -22.91 17.90
N PHE B 91 15.32 -22.79 16.79
CA PHE B 91 16.04 -23.88 16.09
C PHE B 91 17.50 -24.04 16.57
N LYS B 92 18.10 -25.20 16.27
CA LYS B 92 19.53 -25.39 16.49
C LYS B 92 20.27 -24.26 15.80
N LYS B 93 19.84 -23.99 14.55
CA LYS B 93 20.36 -22.95 13.71
C LYS B 93 19.29 -22.48 12.69
N SER B 94 19.03 -21.17 12.65
CA SER B 94 18.19 -20.55 11.62
C SER B 94 19.00 -19.64 10.67
N TYR B 95 18.92 -19.95 9.38
CA TYR B 95 19.62 -19.18 8.32
C TYR B 95 18.65 -18.24 7.70
N LEU B 96 19.05 -16.97 7.54
CA LEU B 96 18.43 -16.00 6.57
C LEU B 96 19.60 -15.42 5.75
N PRO B 97 19.32 -14.93 4.53
CA PRO B 97 20.39 -14.20 3.89
C PRO B 97 20.78 -13.02 4.78
N ASN B 98 22.07 -12.67 4.70
CA ASN B 98 22.69 -11.56 5.39
C ASN B 98 22.52 -10.30 4.54
N GLY B 99 21.53 -9.46 4.90
CA GLY B 99 21.35 -8.18 4.24
C GLY B 99 22.48 -7.18 4.43
N LEU B 100 23.33 -7.40 5.44
CA LEU B 100 24.54 -6.62 5.72
C LEU B 100 25.86 -7.16 5.15
N ALA B 101 25.78 -8.14 4.26
CA ALA B 101 26.92 -8.79 3.69
C ALA B 101 27.67 -7.71 2.94
N ALA B 102 28.99 -7.78 3.05
CA ALA B 102 29.88 -6.77 2.54
C ALA B 102 30.03 -6.90 1.04
N ASP B 103 30.00 -8.14 0.54
CA ASP B 103 30.08 -8.41 -0.89
C ASP B 103 28.84 -9.26 -1.18
N LEU B 104 27.82 -8.74 -1.87
CA LEU B 104 26.54 -9.52 -2.09
C LEU B 104 26.65 -10.75 -2.97
N ALA B 105 27.58 -10.74 -3.92
CA ALA B 105 27.93 -11.93 -4.70
C ALA B 105 28.52 -13.06 -3.85
N LYS B 106 29.42 -12.72 -2.93
CA LYS B 106 29.87 -13.67 -1.91
C LYS B 106 28.76 -14.23 -1.05
N GLU B 107 27.79 -13.38 -0.71
CA GLU B 107 26.58 -13.80 0.03
C GLU B 107 25.65 -14.73 -0.78
N THR B 108 25.34 -14.43 -2.04
CA THR B 108 24.51 -15.35 -2.81
C THR B 108 25.22 -16.73 -2.97
N GLU B 109 26.55 -16.70 -3.12
CA GLU B 109 27.33 -17.89 -3.32
C GLU B 109 27.34 -18.67 -2.02
N TYR B 110 27.52 -17.96 -0.93
CA TYR B 110 27.47 -18.56 0.42
C TYR B 110 26.08 -19.22 0.77
N TYR B 111 24.99 -18.59 0.39
CA TYR B 111 23.67 -19.15 0.65
C TYR B 111 23.41 -20.39 -0.20
N ASP B 112 23.93 -20.43 -1.43
CA ASP B 112 23.90 -21.67 -2.23
C ASP B 112 24.63 -22.79 -1.52
N GLN B 113 25.85 -22.57 -1.03
CA GLN B 113 26.56 -23.60 -0.22
C GLN B 113 25.71 -24.10 0.99
N ILE B 114 25.16 -23.18 1.78
CA ILE B 114 24.29 -23.59 2.93
C ILE B 114 23.21 -24.53 2.44
N LEU B 115 22.61 -24.22 1.29
CA LEU B 115 21.53 -25.08 0.74
C LEU B 115 22.02 -26.45 0.37
N ALA B 116 23.25 -26.54 -0.13
CA ALA B 116 23.86 -27.80 -0.51
C ALA B 116 24.24 -28.61 0.75
N GLN B 117 24.68 -27.88 1.76
CA GLN B 117 25.07 -28.45 3.02
C GLN B 117 23.83 -28.89 3.85
N TYR B 118 22.72 -28.17 3.70
CA TYR B 118 21.52 -28.38 4.48
C TYR B 118 20.33 -28.54 3.58
N PRO B 119 20.25 -29.68 2.85
CA PRO B 119 19.13 -29.80 1.96
C PRO B 119 17.82 -29.89 2.75
N ILE B 120 16.85 -29.08 2.35
CA ILE B 120 15.56 -28.89 3.00
C ILE B 120 14.66 -30.10 2.80
N ASP B 121 14.16 -30.64 3.90
CA ASP B 121 13.28 -31.81 3.85
C ASP B 121 11.84 -31.40 3.51
N LEU B 122 11.42 -30.29 4.12
CA LEU B 122 10.12 -29.75 3.90
C LEU B 122 10.26 -28.26 3.85
N GLN B 123 9.81 -27.69 2.72
CA GLN B 123 9.63 -26.27 2.49
C GLN B 123 8.14 -25.84 2.64
N ILE B 124 7.82 -24.87 3.49
CA ILE B 124 6.47 -24.21 3.54
C ILE B 124 6.47 -23.00 2.58
N LEU B 125 5.46 -22.83 1.72
CA LEU B 125 5.42 -21.69 0.82
C LEU B 125 4.05 -21.04 0.79
N GLY B 126 4.02 -19.74 0.49
CA GLY B 126 2.78 -19.07 0.06
C GLY B 126 2.90 -18.77 -1.40
N ILE B 127 1.90 -18.10 -1.93
CA ILE B 127 1.94 -17.76 -3.33
C ILE B 127 1.52 -16.28 -3.53
N GLY B 128 2.17 -15.63 -4.48
CA GLY B 128 1.87 -14.26 -4.75
C GLY B 128 0.64 -14.11 -5.59
N ARG B 129 0.00 -12.93 -5.56
CA ARG B 129 -1.23 -12.73 -6.35
CA ARG B 129 -1.23 -12.72 -6.36
C ARG B 129 -0.95 -12.95 -7.87
N ASN B 130 0.28 -12.64 -8.31
CA ASN B 130 0.69 -12.89 -9.71
C ASN B 130 1.51 -14.20 -9.96
N ALA B 131 1.36 -15.16 -9.05
CA ALA B 131 2.04 -16.47 -9.04
C ALA B 131 3.55 -16.43 -8.70
N HIS B 132 4.04 -15.24 -8.34
CA HIS B 132 5.39 -15.12 -7.72
C HIS B 132 5.60 -16.02 -6.50
N ILE B 133 6.85 -16.49 -6.34
CA ILE B 133 7.24 -17.44 -5.26
C ILE B 133 8.45 -16.82 -4.59
N GLY B 134 8.29 -16.55 -3.29
CA GLY B 134 9.25 -15.72 -2.55
C GLY B 134 9.30 -14.35 -3.23
N PHE B 135 10.50 -13.93 -3.63
CA PHE B 135 10.66 -12.72 -4.35
C PHE B 135 10.90 -12.97 -5.86
N ASN B 136 10.62 -14.17 -6.35
CA ASN B 136 10.79 -14.51 -7.77
C ASN B 136 9.55 -14.17 -8.59
N GLU B 137 9.63 -13.09 -9.36
CA GLU B 137 8.51 -12.62 -10.13
C GLU B 137 8.44 -13.27 -11.47
N PRO B 138 7.32 -13.07 -12.20
CA PRO B 138 7.22 -13.52 -13.58
C PRO B 138 8.46 -13.11 -14.37
N GLY B 139 8.97 -14.06 -15.15
CA GLY B 139 10.13 -13.84 -15.96
C GLY B 139 11.39 -14.37 -15.33
N THR B 140 11.30 -14.81 -14.05
CA THR B 140 12.42 -15.45 -13.38
C THR B 140 12.78 -16.86 -13.95
N ALA B 141 14.07 -17.09 -14.26
CA ALA B 141 14.49 -18.37 -14.82
C ALA B 141 14.28 -19.51 -13.82
N PHE B 142 13.79 -20.65 -14.33
CA PHE B 142 13.66 -21.84 -13.48
C PHE B 142 14.99 -22.37 -12.98
N SER B 143 16.08 -21.97 -13.63
CA SER B 143 17.43 -22.36 -13.25
C SER B 143 18.07 -21.46 -12.19
N SER B 144 17.34 -20.43 -11.77
CA SER B 144 17.94 -19.44 -10.91
C SER B 144 18.26 -19.95 -9.50
N GLN B 145 19.42 -19.56 -8.97
CA GLN B 145 19.84 -19.98 -7.62
C GLN B 145 19.72 -18.73 -6.78
N THR B 146 20.38 -18.62 -5.64
CA THR B 146 20.29 -17.39 -4.83
C THR B 146 20.80 -16.18 -5.64
N HIS B 147 19.98 -15.13 -5.66
CA HIS B 147 20.35 -13.95 -6.43
C HIS B 147 19.79 -12.70 -5.81
N LEU B 148 20.37 -11.57 -6.18
CA LEU B 148 19.89 -10.22 -5.87
C LEU B 148 18.66 -9.93 -6.67
N VAL B 149 17.60 -9.51 -5.99
CA VAL B 149 16.37 -9.13 -6.65
C VAL B 149 16.14 -7.61 -6.45
N ASP B 150 15.70 -6.93 -7.50
CA ASP B 150 15.34 -5.51 -7.49
C ASP B 150 13.85 -5.57 -7.19
N LEU B 151 13.44 -5.08 -6.04
CA LEU B 151 12.07 -5.29 -5.58
C LEU B 151 11.04 -4.61 -6.49
N THR B 152 9.82 -5.12 -6.53
CA THR B 152 8.81 -4.44 -7.33
C THR B 152 8.43 -3.03 -6.81
N PRO B 153 7.96 -2.15 -7.71
CA PRO B 153 7.46 -0.87 -7.18
C PRO B 153 6.37 -1.06 -6.07
N SER B 154 5.60 -2.14 -6.17
CA SER B 154 4.50 -2.37 -5.24
C SER B 154 5.04 -2.85 -3.86
N THR B 155 6.09 -3.67 -3.90
CA THR B 155 6.77 -4.08 -2.67
C THR B 155 7.36 -2.87 -1.97
N ILE B 156 8.06 -2.01 -2.74
CA ILE B 156 8.68 -0.81 -2.20
C ILE B 156 7.61 0.14 -1.54
N ALA B 157 6.51 0.45 -2.29
CA ALA B 157 5.36 1.20 -1.82
C ALA B 157 4.75 0.63 -0.52
N ALA B 158 4.60 -0.69 -0.40
CA ALA B 158 3.97 -1.29 0.77
C ALA B 158 4.91 -1.16 1.96
N ASN B 159 6.22 -1.30 1.73
CA ASN B 159 7.21 -1.38 2.80
C ASN B 159 7.55 -0.01 3.33
N SER B 160 7.41 0.99 2.47
CA SER B 160 7.73 2.37 2.78
C SER B 160 6.95 2.89 4.02
N ARG B 161 5.68 2.47 4.17
CA ARG B 161 4.82 2.77 5.34
C ARG B 161 5.55 2.54 6.68
N PHE B 162 6.61 1.73 6.65
CA PHE B 162 7.26 1.19 7.87
C PHE B 162 8.64 1.77 8.22
N PHE B 163 9.04 2.80 7.48
CA PHE B 163 10.27 3.58 7.66
C PHE B 163 9.58 4.96 7.69
N GLU B 164 9.73 5.81 8.70
CA GLU B 164 10.97 6.43 9.12
C GLU B 164 11.23 7.47 7.96
N LYS B 165 12.36 7.37 7.28
CA LYS B 165 12.65 8.21 6.11
C LYS B 165 12.71 7.35 4.82
N ALA B 166 12.32 7.93 3.69
CA ALA B 166 12.27 7.21 2.40
C ALA B 166 13.61 6.63 1.88
N GLU B 167 14.72 7.31 2.20
CA GLU B 167 16.04 6.89 1.75
C GLU B 167 16.39 5.51 2.34
N ASP B 168 15.74 5.20 3.46
CA ASP B 168 16.02 4.00 4.25
C ASP B 168 15.40 2.75 3.62
N VAL B 169 14.35 2.93 2.82
CA VAL B 169 13.56 1.79 2.34
C VAL B 169 14.40 0.92 1.41
N PRO B 170 14.62 -0.40 1.75
CA PRO B 170 15.42 -1.24 0.81
C PRO B 170 14.77 -1.40 -0.59
N LYS B 171 15.63 -1.53 -1.61
CA LYS B 171 15.16 -1.56 -2.99
C LYS B 171 15.53 -2.90 -3.59
N GLN B 172 16.37 -3.60 -2.86
CA GLN B 172 16.83 -4.97 -3.18
C GLN B 172 16.65 -6.00 -2.04
N ALA B 173 16.65 -7.27 -2.43
CA ALA B 173 16.68 -8.35 -1.51
C ALA B 173 17.64 -9.38 -2.04
N ILE B 174 18.17 -10.20 -1.13
CA ILE B 174 18.87 -11.48 -1.46
C ILE B 174 17.83 -12.62 -1.34
N SER B 175 17.66 -13.36 -2.44
CA SER B 175 16.59 -14.30 -2.56
C SER B 175 16.94 -15.66 -3.14
N MET B 176 16.60 -16.73 -2.45
CA MET B 176 16.57 -18.06 -3.10
C MET B 176 15.75 -17.95 -4.40
N GLY B 177 16.31 -18.58 -5.45
CA GLY B 177 15.72 -18.71 -6.81
C GLY B 177 14.89 -19.95 -6.94
N LEU B 178 14.38 -20.17 -8.11
CA LEU B 178 13.39 -21.23 -8.26
C LEU B 178 14.01 -22.63 -8.27
N ALA B 179 15.25 -22.74 -8.79
CA ALA B 179 16.01 -24.00 -8.79
C ALA B 179 16.30 -24.36 -7.32
N SER B 180 16.77 -23.34 -6.55
CA SER B 180 16.99 -23.50 -5.11
C SER B 180 15.75 -24.01 -4.36
N ILE B 181 14.61 -23.33 -4.52
CA ILE B 181 13.36 -23.76 -3.87
C ILE B 181 12.96 -25.18 -4.26
N MET B 182 13.05 -25.46 -5.55
CA MET B 182 12.74 -26.78 -6.06
C MET B 182 13.51 -27.96 -5.48
N SER B 183 14.65 -27.70 -4.83
CA SER B 183 15.47 -28.80 -4.25
C SER B 183 14.90 -29.41 -2.99
N ALA B 184 13.96 -28.75 -2.33
CA ALA B 184 13.24 -29.34 -1.18
C ALA B 184 12.73 -30.72 -1.58
N LYS B 185 12.79 -31.65 -0.61
CA LYS B 185 12.21 -33.01 -0.72
C LYS B 185 10.69 -33.03 -0.85
N MET B 186 10.06 -32.13 -0.10
CA MET B 186 8.62 -31.98 -0.07
C MET B 186 8.39 -30.49 0.04
N ILE B 187 7.34 -30.03 -0.64
CA ILE B 187 6.90 -28.64 -0.65
C ILE B 187 5.44 -28.64 -0.24
N LEU B 188 5.13 -27.84 0.77
CA LEU B 188 3.78 -27.52 1.17
C LEU B 188 3.46 -26.09 0.80
N LEU B 189 2.69 -25.88 -0.26
CA LEU B 189 2.19 -24.55 -0.57
C LEU B 189 0.78 -24.33 -0.02
N MET B 190 0.60 -23.21 0.72
CA MET B 190 -0.71 -22.78 1.22
C MET B 190 -1.20 -21.52 0.48
N ALA B 191 -2.50 -21.45 0.23
CA ALA B 191 -3.06 -20.26 -0.42
C ALA B 191 -4.51 -20.09 0.05
N PHE B 192 -4.88 -18.88 0.46
CA PHE B 192 -6.19 -18.62 1.06
C PHE B 192 -6.77 -17.35 0.47
N GLY B 193 -8.07 -17.34 0.16
CA GLY B 193 -8.78 -16.17 -0.39
C GLY B 193 -8.84 -16.05 -1.92
N GLU B 194 -9.94 -15.48 -2.42
CA GLU B 194 -10.16 -15.11 -3.86
C GLU B 194 -8.94 -14.51 -4.63
N GLU B 195 -8.14 -13.70 -3.92
CA GLU B 195 -7.02 -12.94 -4.49
C GLU B 195 -5.91 -13.89 -4.95
N LYS B 196 -5.96 -15.13 -4.45
CA LYS B 196 -5.03 -16.16 -4.84
C LYS B 196 -5.53 -17.16 -5.93
N ALA B 197 -6.81 -17.09 -6.30
CA ALA B 197 -7.45 -18.08 -7.17
C ALA B 197 -6.86 -18.16 -8.57
N GLU B 198 -6.60 -17.01 -9.16
CA GLU B 198 -6.04 -16.93 -10.49
C GLU B 198 -4.62 -17.49 -10.48
N ALA B 199 -3.87 -17.16 -9.44
CA ALA B 199 -2.53 -17.71 -9.27
C ALA B 199 -2.45 -19.25 -9.02
N VAL B 200 -3.30 -19.79 -8.14
CA VAL B 200 -3.41 -21.25 -7.91
C VAL B 200 -3.85 -21.97 -9.20
N ALA B 201 -4.87 -21.45 -9.87
CA ALA B 201 -5.32 -22.01 -11.14
C ALA B 201 -4.20 -22.00 -12.17
N ALA B 202 -3.51 -20.87 -12.35
CA ALA B 202 -2.31 -20.81 -13.26
C ALA B 202 -1.12 -21.77 -12.88
N MET B 203 -0.84 -21.91 -11.59
CA MET B 203 0.18 -22.80 -11.11
C MET B 203 -0.12 -24.29 -11.40
N VAL B 204 -1.40 -24.63 -11.23
CA VAL B 204 -1.89 -26.00 -11.29
C VAL B 204 -2.21 -26.44 -12.74
N LYS B 205 -2.83 -25.54 -13.51
CA LYS B 205 -3.49 -25.94 -14.75
C LYS B 205 -2.89 -25.33 -15.99
N GLY B 206 -2.19 -24.23 -15.86
CA GLY B 206 -1.66 -23.55 -17.05
C GLY B 206 -0.35 -24.15 -17.51
N PRO B 207 0.24 -23.60 -18.58
CA PRO B 207 1.54 -24.09 -18.99
C PRO B 207 2.68 -23.76 -18.02
N VAL B 208 3.74 -24.56 -18.12
CA VAL B 208 5.00 -24.35 -17.39
C VAL B 208 5.81 -23.30 -18.14
N THR B 209 5.87 -22.14 -17.51
CA THR B 209 6.32 -20.90 -18.10
C THR B 209 6.86 -20.00 -17.02
N GLU B 210 7.95 -19.29 -17.36
CA GLU B 210 8.57 -18.32 -16.41
C GLU B 210 7.66 -17.18 -16.08
N GLU B 211 6.68 -16.90 -16.94
CA GLU B 211 5.63 -15.89 -16.71
C GLU B 211 4.80 -16.17 -15.44
N ILE B 212 4.76 -17.43 -15.03
CA ILE B 212 4.04 -17.93 -13.82
C ILE B 212 5.08 -18.70 -13.02
N PRO B 213 5.78 -17.97 -12.16
CA PRO B 213 6.87 -18.59 -11.41
C PRO B 213 6.46 -19.88 -10.75
N ALA B 214 5.27 -19.90 -10.17
CA ALA B 214 4.71 -21.04 -9.48
C ALA B 214 4.43 -22.28 -10.28
N SER B 215 4.25 -22.16 -11.60
CA SER B 215 4.03 -23.34 -12.49
C SER B 215 5.15 -24.36 -12.47
N ILE B 216 6.36 -23.95 -12.12
CA ILE B 216 7.48 -24.92 -11.97
C ILE B 216 7.13 -26.06 -11.01
N LEU B 217 6.27 -25.78 -10.03
CA LEU B 217 5.82 -26.76 -9.01
C LEU B 217 5.15 -28.00 -9.60
N GLN B 218 4.63 -27.83 -10.82
CA GLN B 218 4.02 -28.93 -11.59
C GLN B 218 5.04 -30.03 -11.85
N THR B 219 6.33 -29.68 -11.78
CA THR B 219 7.42 -30.62 -12.07
C THR B 219 8.07 -31.20 -10.83
N HIS B 220 7.63 -30.79 -9.63
CA HIS B 220 8.20 -31.25 -8.40
C HIS B 220 7.53 -32.60 -8.11
N PRO B 221 8.32 -33.60 -7.65
CA PRO B 221 7.87 -34.94 -7.29
C PRO B 221 7.06 -35.09 -5.99
N LYS B 222 7.03 -34.07 -5.17
CA LYS B 222 6.22 -34.14 -3.94
C LYS B 222 5.75 -32.78 -3.50
N VAL B 223 4.65 -32.30 -4.08
CA VAL B 223 4.07 -31.00 -3.65
C VAL B 223 2.65 -31.26 -3.07
N ILE B 224 2.32 -30.68 -1.93
CA ILE B 224 0.99 -30.75 -1.33
C ILE B 224 0.48 -29.33 -1.31
N LEU B 225 -0.73 -29.10 -1.84
CA LEU B 225 -1.33 -27.79 -1.97
C LEU B 225 -2.49 -27.81 -0.95
N ILE B 226 -2.55 -26.79 -0.08
CA ILE B 226 -3.58 -26.57 0.90
C ILE B 226 -4.17 -25.21 0.52
N VAL B 227 -5.44 -25.23 0.11
CA VAL B 227 -6.15 -24.04 -0.36
C VAL B 227 -7.46 -24.07 0.32
N ASP B 228 -7.96 -22.89 0.67
CA ASP B 228 -9.38 -22.75 0.98
C ASP B 228 -10.27 -22.74 -0.28
N GLU B 229 -11.58 -22.87 -0.05
CA GLU B 229 -12.58 -22.91 -1.09
C GLU B 229 -12.47 -21.76 -2.10
N LYS B 230 -12.19 -20.56 -1.61
CA LYS B 230 -12.03 -19.38 -2.43
C LYS B 230 -10.74 -19.37 -3.29
N ALA B 231 -9.59 -19.77 -2.71
CA ALA B 231 -8.31 -19.81 -3.39
C ALA B 231 -8.30 -20.97 -4.37
N GLY B 232 -9.06 -22.02 -4.05
CA GLY B 232 -9.12 -23.24 -4.86
C GLY B 232 -10.28 -23.26 -5.86
N ALA B 233 -10.97 -22.13 -6.00
CA ALA B 233 -12.20 -22.03 -6.81
C ALA B 233 -11.99 -22.42 -8.27
N GLY B 234 -10.78 -22.21 -8.81
CA GLY B 234 -10.44 -22.56 -10.21
C GLY B 234 -9.79 -23.91 -10.47
N ILE B 235 -9.65 -24.75 -9.45
CA ILE B 235 -9.13 -26.12 -9.62
C ILE B 235 -10.15 -27.09 -9.00
#